data_1J9J
#
_entry.id   1J9J
#
_cell.length_a   115.956
_cell.length_b   115.956
_cell.length_c   78.597
_cell.angle_alpha   90.00
_cell.angle_beta   90.00
_cell.angle_gamma   120.00
#
_symmetry.space_group_name_H-M   'P 31 2 1'
#
loop_
_entity.id
_entity.type
_entity.pdbx_description
1 polymer 'STATIONARY PHASE SURVIVAL PROTEIN'
2 non-polymer 'MAGNESIUM ION'
3 non-polymer 'SULFATE ION'
4 water water
#
_entity_poly.entity_id   1
_entity_poly.type   'polypeptide(L)'
_entity_poly.pdbx_seq_one_letter_code
;MRILVTNDDGIQSKGIIVLAELLSEEHEVFVVAPDKERSATGHSITIHVPLWMKKVFISERVVAYSTTGTPADCVKLAYN
VVMDKRVDLIVSGVNRGPNMGMDILHSGTVSGAMEGAMMNIPSIAISSANYESPDFEGAARFLIDFLKEFDFSLLDPFTM
LNINVPAGEIKGWRFTRQSRRRWNDYFEERVSPFGEKYYWMMGEVIEDDDRDDVDYKAVREGYVSITPIHPFLTNEQCLK
KLREVYD
;
_entity_poly.pdbx_strand_id   A,B
#
# COMPACT_ATOMS: atom_id res chain seq x y z
N MET A 1 11.54 4.70 -12.02
CA MET A 1 10.79 3.69 -11.25
C MET A 1 11.55 3.34 -9.97
N ARG A 2 10.82 3.23 -8.85
CA ARG A 2 11.41 2.88 -7.55
C ARG A 2 11.33 1.35 -7.43
N ILE A 3 12.48 0.71 -7.48
CA ILE A 3 12.53 -0.75 -7.39
C ILE A 3 13.16 -1.27 -6.09
N LEU A 4 12.52 -2.25 -5.48
CA LEU A 4 13.02 -2.84 -4.25
C LEU A 4 13.66 -4.15 -4.72
N VAL A 5 14.92 -4.34 -4.34
CA VAL A 5 15.66 -5.55 -4.69
C VAL A 5 16.08 -6.27 -3.41
N THR A 6 15.84 -7.58 -3.36
CA THR A 6 16.20 -8.39 -2.21
C THR A 6 16.61 -9.76 -2.75
N ASN A 7 16.95 -10.69 -1.85
CA ASN A 7 17.35 -12.04 -2.28
C ASN A 7 17.35 -12.93 -1.04
N ASP A 8 17.79 -14.17 -1.17
CA ASP A 8 17.82 -15.06 -0.01
C ASP A 8 19.23 -15.60 0.22
N ASP A 9 20.14 -15.30 -0.71
CA ASP A 9 21.53 -15.76 -0.61
C ASP A 9 22.38 -14.86 0.29
N GLY A 10 21.93 -13.62 0.52
CA GLY A 10 22.70 -12.71 1.37
C GLY A 10 23.03 -11.42 0.64
N ILE A 11 23.05 -10.30 1.36
CA ILE A 11 23.34 -9.00 0.77
C ILE A 11 24.68 -8.90 0.03
N GLN A 12 25.59 -9.82 0.29
CA GLN A 12 26.89 -9.77 -0.39
C GLN A 12 27.02 -10.74 -1.55
N SER A 13 25.91 -11.36 -1.93
CA SER A 13 25.90 -12.31 -3.03
C SER A 13 26.13 -11.65 -4.38
N LYS A 14 26.88 -12.31 -5.25
CA LYS A 14 27.15 -11.76 -6.58
C LYS A 14 25.85 -11.62 -7.35
N GLY A 15 24.88 -12.48 -7.06
CA GLY A 15 23.61 -12.41 -7.75
C GLY A 15 22.80 -11.15 -7.49
N ILE A 16 22.80 -10.67 -6.25
CA ILE A 16 22.04 -9.46 -5.95
C ILE A 16 22.80 -8.21 -6.37
N ILE A 17 24.12 -8.24 -6.27
CA ILE A 17 24.94 -7.09 -6.65
C ILE A 17 24.81 -6.82 -8.15
N VAL A 18 24.93 -7.88 -8.94
CA VAL A 18 24.82 -7.76 -10.39
C VAL A 18 23.47 -7.18 -10.77
N LEU A 19 22.40 -7.72 -10.19
CA LEU A 19 21.06 -7.24 -10.48
C LEU A 19 20.86 -5.77 -10.11
N ALA A 20 21.32 -5.38 -8.92
CA ALA A 20 21.19 -4.01 -8.46
C ALA A 20 21.95 -3.00 -9.31
N GLU A 21 23.19 -3.32 -9.67
CA GLU A 21 23.98 -2.42 -10.49
C GLU A 21 23.36 -2.16 -11.86
N LEU A 22 22.86 -3.21 -12.50
CA LEU A 22 22.25 -3.05 -13.81
C LEU A 22 20.93 -2.27 -13.79
N LEU A 23 20.10 -2.51 -12.78
CA LEU A 23 18.82 -1.81 -12.67
C LEU A 23 19.00 -0.33 -12.31
N SER A 24 20.07 -0.02 -11.57
CA SER A 24 20.33 1.35 -11.16
C SER A 24 20.73 2.26 -12.32
N GLU A 25 21.03 1.66 -13.47
CA GLU A 25 21.42 2.43 -14.65
C GLU A 25 20.26 3.25 -15.18
N GLU A 26 19.04 2.81 -14.92
CA GLU A 26 17.85 3.52 -15.39
C GLU A 26 16.78 3.73 -14.32
N HIS A 27 16.94 3.09 -13.16
CA HIS A 27 15.95 3.22 -12.09
C HIS A 27 16.54 3.55 -10.72
N GLU A 28 15.66 3.88 -9.78
CA GLU A 28 16.06 4.21 -8.41
C GLU A 28 15.97 2.88 -7.64
N VAL A 29 17.12 2.31 -7.34
CA VAL A 29 17.19 1.04 -6.63
C VAL A 29 17.47 1.09 -5.12
N PHE A 30 16.65 0.34 -4.37
CA PHE A 30 16.78 0.25 -2.92
C PHE A 30 16.98 -1.24 -2.60
N VAL A 31 18.07 -1.58 -1.94
CA VAL A 31 18.34 -2.97 -1.59
C VAL A 31 18.19 -3.23 -0.09
N VAL A 32 17.34 -4.20 0.26
CA VAL A 32 17.12 -4.57 1.65
C VAL A 32 17.18 -6.09 1.59
N ALA A 33 18.29 -6.65 2.07
CA ALA A 33 18.49 -8.10 2.05
C ALA A 33 19.07 -8.67 3.34
N PRO A 34 18.95 -10.00 3.52
CA PRO A 34 19.46 -10.69 4.72
C PRO A 34 20.97 -10.52 4.91
N ASP A 35 21.40 -10.54 6.17
CA ASP A 35 22.81 -10.40 6.50
C ASP A 35 23.50 -11.78 6.55
N LYS A 36 22.82 -12.80 6.02
CA LYS A 36 23.35 -14.16 6.00
C LYS A 36 22.54 -15.07 5.07
N GLU A 37 23.02 -16.30 4.89
CA GLU A 37 22.37 -17.28 4.02
C GLU A 37 20.96 -17.61 4.50
N ARG A 38 19.99 -17.59 3.59
CA ARG A 38 18.60 -17.90 3.97
C ARG A 38 17.82 -18.59 2.84
N SER A 39 18.54 -19.31 1.98
CA SER A 39 17.90 -20.00 0.86
C SER A 39 16.71 -20.92 1.19
N ALA A 40 16.86 -21.80 2.18
CA ALA A 40 15.77 -22.70 2.54
C ALA A 40 14.92 -22.24 3.72
N THR A 41 14.76 -20.92 3.88
CA THR A 41 13.96 -20.41 4.98
C THR A 41 12.46 -20.31 4.69
N GLY A 42 12.07 -20.53 3.44
CA GLY A 42 10.65 -20.46 3.11
C GLY A 42 10.03 -19.10 3.41
N HIS A 43 8.77 -19.11 3.82
CA HIS A 43 8.08 -17.86 4.13
C HIS A 43 8.04 -17.55 5.63
N SER A 44 9.16 -17.79 6.30
CA SER A 44 9.27 -17.52 7.73
C SER A 44 9.33 -16.00 7.97
N ILE A 45 8.75 -15.54 9.08
CA ILE A 45 8.76 -14.11 9.44
C ILE A 45 9.13 -13.98 10.92
N THR A 46 9.65 -12.82 11.31
CA THR A 46 10.05 -12.58 12.70
C THR A 46 9.03 -11.76 13.49
N ILE A 47 8.33 -12.40 14.41
CA ILE A 47 7.33 -11.69 15.21
C ILE A 47 7.58 -11.76 16.73
N HIS A 48 8.42 -12.70 17.17
CA HIS A 48 8.72 -12.86 18.60
C HIS A 48 9.88 -12.05 19.16
N VAL A 49 10.74 -11.54 18.29
CA VAL A 49 11.89 -10.74 18.71
C VAL A 49 11.98 -9.54 17.77
N PRO A 50 12.74 -8.50 18.16
CA PRO A 50 12.91 -7.29 17.35
C PRO A 50 13.73 -7.54 16.10
N LEU A 51 13.61 -6.65 15.12
CA LEU A 51 14.34 -6.73 13.84
C LEU A 51 15.33 -5.58 13.81
N TRP A 52 16.47 -5.76 13.14
CA TRP A 52 17.48 -4.72 13.05
C TRP A 52 17.97 -4.52 11.61
N MET A 53 18.37 -3.29 11.29
CA MET A 53 18.88 -2.97 9.96
C MET A 53 20.19 -2.20 10.06
N LYS A 54 21.02 -2.32 9.02
CA LYS A 54 22.30 -1.64 8.98
C LYS A 54 22.53 -1.11 7.57
N LYS A 55 22.72 0.20 7.44
CA LYS A 55 22.96 0.80 6.14
C LYS A 55 24.32 0.32 5.64
N VAL A 56 24.35 -0.15 4.40
CA VAL A 56 25.59 -0.64 3.81
C VAL A 56 25.63 -0.32 2.30
N PHE A 57 25.70 0.97 1.98
CA PHE A 57 25.74 1.42 0.59
C PHE A 57 26.52 0.47 -0.32
N ILE A 58 26.09 0.39 -1.58
CA ILE A 58 26.74 -0.46 -2.57
C ILE A 58 27.22 0.41 -3.72
N SER A 59 26.55 1.55 -3.91
CA SER A 59 26.89 2.49 -4.96
C SER A 59 26.28 3.85 -4.64
N GLU A 60 26.18 4.72 -5.63
CA GLU A 60 25.62 6.05 -5.44
C GLU A 60 24.13 6.07 -5.79
N ARG A 61 23.78 5.43 -6.91
CA ARG A 61 22.40 5.37 -7.36
C ARG A 61 21.59 4.36 -6.56
N VAL A 62 22.25 3.64 -5.66
CA VAL A 62 21.57 2.65 -4.85
C VAL A 62 21.80 2.78 -3.35
N VAL A 63 20.71 2.63 -2.60
CA VAL A 63 20.74 2.72 -1.15
C VAL A 63 20.61 1.26 -0.70
N ALA A 64 21.49 0.81 0.19
CA ALA A 64 21.43 -0.58 0.65
C ALA A 64 21.45 -0.77 2.16
N TYR A 65 20.66 -1.74 2.62
CA TYR A 65 20.56 -2.07 4.03
C TYR A 65 20.55 -3.59 4.19
N SER A 66 21.24 -4.08 5.22
CA SER A 66 21.28 -5.52 5.47
C SER A 66 20.38 -5.65 6.70
N THR A 67 19.78 -6.81 6.90
CA THR A 67 18.91 -6.99 8.06
C THR A 67 19.12 -8.34 8.72
N THR A 68 18.71 -8.42 9.98
CA THR A 68 18.84 -9.65 10.76
C THR A 68 17.63 -10.54 10.47
N GLY A 69 16.72 -10.05 9.64
CA GLY A 69 15.53 -10.83 9.31
C GLY A 69 15.56 -11.75 8.11
N THR A 70 14.42 -12.39 7.86
CA THR A 70 14.23 -13.31 6.75
C THR A 70 13.92 -12.54 5.46
N PRO A 71 13.93 -13.22 4.30
CA PRO A 71 13.64 -12.50 3.06
C PRO A 71 12.28 -11.80 3.11
N ALA A 72 11.29 -12.46 3.69
CA ALA A 72 9.96 -11.87 3.79
C ALA A 72 10.01 -10.64 4.71
N ASP A 73 10.80 -10.72 5.78
CA ASP A 73 10.92 -9.61 6.72
C ASP A 73 11.48 -8.40 5.97
N CYS A 74 12.44 -8.66 5.08
CA CYS A 74 13.07 -7.63 4.27
C CYS A 74 12.08 -6.81 3.47
N VAL A 75 11.12 -7.48 2.83
CA VAL A 75 10.11 -6.78 2.04
C VAL A 75 9.22 -5.92 2.94
N LYS A 76 8.77 -6.47 4.06
CA LYS A 76 7.93 -5.70 4.96
C LYS A 76 8.69 -4.46 5.45
N LEU A 77 9.94 -4.64 5.83
CA LEU A 77 10.78 -3.55 6.32
C LEU A 77 11.01 -2.48 5.24
N ALA A 78 11.29 -2.94 4.03
CA ALA A 78 11.53 -2.03 2.91
C ALA A 78 10.32 -1.16 2.60
N TYR A 79 9.17 -1.78 2.46
CA TYR A 79 7.94 -1.07 2.16
C TYR A 79 7.50 -0.09 3.25
N ASN A 80 7.48 -0.54 4.50
CA ASN A 80 7.07 0.32 5.60
C ASN A 80 8.04 1.35 6.18
N VAL A 81 9.34 1.05 6.19
CA VAL A 81 10.28 2.01 6.75
C VAL A 81 11.36 2.60 5.85
N VAL A 82 11.85 1.83 4.90
CA VAL A 82 12.90 2.35 4.02
C VAL A 82 12.38 3.14 2.81
N MET A 83 11.41 2.57 2.10
CA MET A 83 10.85 3.22 0.93
C MET A 83 9.61 4.09 1.10
N ASP A 84 9.23 4.34 2.34
CA ASP A 84 8.05 5.17 2.64
C ASP A 84 6.78 4.74 1.91
N LYS A 85 6.57 3.44 1.78
CA LYS A 85 5.39 2.90 1.10
C LYS A 85 5.32 3.25 -0.39
N ARG A 86 6.46 3.62 -0.97
CA ARG A 86 6.51 3.97 -2.39
C ARG A 86 7.35 2.95 -3.14
N VAL A 87 6.70 1.89 -3.61
CA VAL A 87 7.37 0.82 -4.34
C VAL A 87 6.66 0.51 -5.66
N ASP A 88 7.37 0.65 -6.78
CA ASP A 88 6.78 0.38 -8.08
C ASP A 88 6.94 -1.06 -8.53
N LEU A 89 8.04 -1.69 -8.09
CA LEU A 89 8.34 -3.07 -8.45
C LEU A 89 9.22 -3.72 -7.39
N ILE A 90 9.05 -5.04 -7.22
CA ILE A 90 9.82 -5.80 -6.27
C ILE A 90 10.48 -6.95 -7.03
N VAL A 91 11.79 -7.08 -6.89
CA VAL A 91 12.55 -8.12 -7.55
C VAL A 91 13.43 -8.86 -6.53
N SER A 92 13.22 -10.15 -6.42
CA SER A 92 13.98 -10.98 -5.48
C SER A 92 14.89 -11.89 -6.30
N GLY A 93 16.20 -11.67 -6.20
CA GLY A 93 17.18 -12.47 -6.92
C GLY A 93 18.45 -11.67 -7.17
N VAL A 94 19.31 -12.09 -8.10
CA VAL A 94 19.12 -13.29 -8.91
C VAL A 94 19.64 -14.42 -8.03
N ASN A 95 18.79 -15.41 -7.75
CA ASN A 95 19.20 -16.53 -6.91
C ASN A 95 20.16 -17.51 -7.56
N ARG A 96 21.05 -18.08 -6.75
CA ARG A 96 22.01 -19.04 -7.27
C ARG A 96 21.34 -20.40 -7.19
N GLY A 97 20.87 -20.88 -8.34
CA GLY A 97 20.20 -22.17 -8.36
C GLY A 97 18.73 -22.04 -8.71
N PRO A 98 18.08 -23.14 -9.13
CA PRO A 98 16.66 -23.14 -9.49
C PRO A 98 15.67 -23.13 -8.33
N ASN A 99 14.47 -22.65 -8.62
CA ASN A 99 13.38 -22.57 -7.66
C ASN A 99 12.16 -23.00 -8.45
N MET A 100 11.98 -24.31 -8.58
CA MET A 100 10.86 -24.86 -9.33
C MET A 100 10.13 -26.00 -8.65
N GLY A 101 8.92 -26.28 -9.12
CA GLY A 101 8.13 -27.36 -8.52
C GLY A 101 7.81 -27.10 -7.07
N MET A 102 7.74 -28.17 -6.28
CA MET A 102 7.43 -28.04 -4.85
C MET A 102 8.53 -27.36 -4.05
N ASP A 103 9.71 -27.20 -4.65
CA ASP A 103 10.81 -26.54 -3.95
C ASP A 103 10.49 -25.08 -3.64
N ILE A 104 9.52 -24.51 -4.34
CA ILE A 104 9.18 -23.10 -4.07
C ILE A 104 8.61 -22.93 -2.66
N LEU A 105 8.11 -24.02 -2.07
CA LEU A 105 7.55 -23.94 -0.72
C LEU A 105 8.62 -23.58 0.32
N HIS A 106 9.87 -24.00 0.10
CA HIS A 106 10.91 -23.66 1.09
C HIS A 106 11.87 -22.59 0.58
N SER A 107 11.51 -21.94 -0.53
CA SER A 107 12.33 -20.91 -1.13
C SER A 107 12.20 -19.50 -0.55
N GLY A 108 13.32 -18.95 -0.08
CA GLY A 108 13.30 -17.61 0.48
C GLY A 108 13.10 -16.60 -0.63
N THR A 109 13.65 -16.92 -1.81
CA THR A 109 13.54 -16.04 -2.98
C THR A 109 12.06 -15.84 -3.33
N VAL A 110 11.33 -16.93 -3.50
CA VAL A 110 9.92 -16.85 -3.84
C VAL A 110 9.11 -16.18 -2.73
N SER A 111 9.47 -16.44 -1.48
CA SER A 111 8.76 -15.86 -0.34
C SER A 111 8.78 -14.33 -0.33
N GLY A 112 9.94 -13.75 -0.64
CA GLY A 112 10.07 -12.31 -0.67
C GLY A 112 9.16 -11.70 -1.71
N ALA A 113 9.15 -12.30 -2.90
CA ALA A 113 8.31 -11.80 -3.97
C ALA A 113 6.83 -12.00 -3.62
N MET A 114 6.52 -13.09 -2.91
CA MET A 114 5.13 -13.35 -2.53
C MET A 114 4.62 -12.28 -1.56
N GLU A 115 5.50 -11.74 -0.73
CA GLU A 115 5.11 -10.70 0.22
C GLU A 115 4.61 -9.53 -0.64
N GLY A 116 5.27 -9.33 -1.77
CA GLY A 116 4.89 -8.24 -2.67
C GLY A 116 3.50 -8.47 -3.25
N ALA A 117 3.25 -9.70 -3.71
CA ALA A 117 1.96 -10.07 -4.29
C ALA A 117 0.84 -9.88 -3.28
N MET A 118 1.12 -10.23 -2.02
CA MET A 118 0.12 -10.10 -0.96
C MET A 118 -0.28 -8.65 -0.72
N MET A 119 0.55 -7.72 -1.19
CA MET A 119 0.27 -6.30 -1.02
C MET A 119 -0.14 -5.70 -2.37
N ASN A 120 -0.38 -6.58 -3.34
CA ASN A 120 -0.76 -6.18 -4.69
C ASN A 120 0.20 -5.19 -5.32
N ILE A 121 1.47 -5.58 -5.30
CA ILE A 121 2.56 -4.78 -5.86
C ILE A 121 3.19 -5.70 -6.89
N PRO A 122 3.46 -5.20 -8.11
CA PRO A 122 4.10 -6.11 -9.08
C PRO A 122 5.39 -6.68 -8.50
N SER A 123 5.47 -8.01 -8.44
CA SER A 123 6.65 -8.68 -7.90
C SER A 123 7.18 -9.85 -8.73
N ILE A 124 8.50 -9.98 -8.75
CA ILE A 124 9.18 -11.03 -9.50
C ILE A 124 10.24 -11.75 -8.69
N ALA A 125 10.28 -13.08 -8.84
CA ALA A 125 11.25 -13.92 -8.16
C ALA A 125 12.07 -14.39 -9.37
N ILE A 126 13.38 -14.16 -9.35
CA ILE A 126 14.20 -14.58 -10.48
C ILE A 126 15.40 -15.41 -10.03
N SER A 127 15.63 -16.54 -10.71
CA SER A 127 16.73 -17.45 -10.40
C SER A 127 17.53 -17.94 -11.61
N SER A 128 18.83 -18.16 -11.41
CA SER A 128 19.70 -18.67 -12.48
C SER A 128 19.65 -20.15 -12.20
N ALA A 129 19.03 -20.91 -13.11
CA ALA A 129 18.87 -22.35 -12.97
C ALA A 129 20.04 -23.34 -12.94
N ASN A 130 21.13 -22.98 -12.26
CA ASN A 130 22.30 -23.86 -12.17
C ASN A 130 23.10 -23.42 -10.94
N TYR A 131 22.99 -24.21 -9.87
CA TYR A 131 23.70 -23.92 -8.63
C TYR A 131 25.21 -23.90 -8.74
N GLU A 132 25.76 -24.93 -9.37
CA GLU A 132 27.21 -25.03 -9.54
C GLU A 132 27.82 -23.99 -10.47
N SER A 133 27.16 -23.71 -11.59
CA SER A 133 27.66 -22.72 -12.54
C SER A 133 26.57 -21.75 -12.99
N PRO A 134 26.20 -20.80 -12.13
CA PRO A 134 25.16 -19.82 -12.48
C PRO A 134 25.62 -18.70 -13.40
N ASP A 135 24.66 -18.06 -14.06
CA ASP A 135 24.95 -16.95 -14.97
C ASP A 135 24.07 -15.78 -14.52
N PHE A 136 24.50 -15.12 -13.45
CA PHE A 136 23.80 -13.98 -12.87
C PHE A 136 23.57 -12.84 -13.86
N GLU A 137 24.63 -12.44 -14.55
CA GLU A 137 24.55 -11.36 -15.52
C GLU A 137 23.51 -11.66 -16.60
N GLY A 138 23.54 -12.89 -17.13
CA GLY A 138 22.60 -13.27 -18.17
C GLY A 138 21.16 -13.14 -17.69
N ALA A 139 20.88 -13.62 -16.49
CA ALA A 139 19.54 -13.56 -15.93
C ALA A 139 19.12 -12.10 -15.77
N ALA A 140 20.04 -11.27 -15.30
CA ALA A 140 19.76 -9.84 -15.11
C ALA A 140 19.47 -9.17 -16.44
N ARG A 141 20.29 -9.45 -17.44
CA ARG A 141 20.12 -8.87 -18.77
C ARG A 141 18.71 -9.19 -19.28
N PHE A 142 18.31 -10.44 -19.10
CA PHE A 142 16.99 -10.89 -19.53
C PHE A 142 15.86 -10.13 -18.85
N LEU A 143 15.95 -9.97 -17.54
CA LEU A 143 14.91 -9.26 -16.80
C LEU A 143 14.75 -7.84 -17.32
N ILE A 144 15.87 -7.13 -17.46
CA ILE A 144 15.86 -5.75 -17.96
C ILE A 144 15.09 -5.64 -19.27
N ASP A 145 15.24 -6.64 -20.13
CA ASP A 145 14.55 -6.64 -21.42
C ASP A 145 13.08 -6.99 -21.23
N PHE A 146 12.79 -7.88 -20.28
CA PHE A 146 11.42 -8.31 -19.99
C PHE A 146 10.59 -7.13 -19.46
N LEU A 147 11.21 -6.31 -18.60
CA LEU A 147 10.54 -5.16 -18.01
C LEU A 147 10.13 -4.12 -19.04
N LYS A 148 10.82 -4.11 -20.17
CA LYS A 148 10.52 -3.15 -21.23
C LYS A 148 9.40 -3.59 -22.17
N GLU A 149 9.00 -4.86 -22.11
CA GLU A 149 7.94 -5.33 -22.99
C GLU A 149 6.70 -5.96 -22.34
N PHE A 150 6.84 -6.45 -21.10
CA PHE A 150 5.71 -7.05 -20.41
C PHE A 150 4.71 -6.02 -19.88
N ASP A 151 3.43 -6.33 -19.99
CA ASP A 151 2.38 -5.44 -19.51
C ASP A 151 1.86 -5.99 -18.18
N PHE A 152 2.34 -5.42 -17.08
CA PHE A 152 1.94 -5.86 -15.76
C PHE A 152 0.45 -5.74 -15.42
N SER A 153 -0.29 -4.95 -16.20
CA SER A 153 -1.72 -4.79 -15.93
C SER A 153 -2.41 -6.13 -16.17
N LEU A 154 -1.71 -7.04 -16.82
CA LEU A 154 -2.23 -8.37 -17.13
C LEU A 154 -2.24 -9.29 -15.90
N LEU A 155 -1.49 -8.93 -14.88
CA LEU A 155 -1.42 -9.72 -13.66
C LEU A 155 -2.66 -9.55 -12.80
N ASP A 156 -3.25 -10.65 -12.36
CA ASP A 156 -4.45 -10.62 -11.53
C ASP A 156 -4.06 -10.24 -10.10
N PRO A 157 -5.05 -9.88 -9.27
CA PRO A 157 -4.72 -9.51 -7.89
C PRO A 157 -4.02 -10.66 -7.14
N PHE A 158 -3.12 -10.27 -6.23
CA PHE A 158 -2.36 -11.21 -5.41
C PHE A 158 -1.53 -12.19 -6.25
N THR A 159 -1.13 -11.78 -7.44
CA THR A 159 -0.33 -12.64 -8.32
C THR A 159 1.06 -12.09 -8.66
N MET A 160 2.07 -12.95 -8.51
CA MET A 160 3.47 -12.60 -8.79
C MET A 160 3.99 -13.55 -9.86
N LEU A 161 5.22 -13.31 -10.35
CA LEU A 161 5.80 -14.17 -11.37
C LEU A 161 7.06 -14.87 -10.87
N ASN A 162 7.11 -16.20 -10.99
CA ASN A 162 8.27 -16.95 -10.54
C ASN A 162 9.03 -17.27 -11.84
N ILE A 163 10.22 -16.69 -11.98
CA ILE A 163 11.03 -16.89 -13.17
C ILE A 163 12.36 -17.64 -12.99
N ASN A 164 12.60 -18.61 -13.87
CA ASN A 164 13.83 -19.41 -13.83
C ASN A 164 14.51 -19.29 -15.20
N VAL A 165 15.74 -18.78 -15.19
CA VAL A 165 16.52 -18.58 -16.40
C VAL A 165 17.59 -19.65 -16.61
N PRO A 166 17.64 -20.26 -17.80
CA PRO A 166 18.69 -21.28 -18.00
C PRO A 166 20.05 -20.61 -17.88
N ALA A 167 21.05 -21.35 -17.41
CA ALA A 167 22.39 -20.80 -17.26
C ALA A 167 23.17 -20.75 -18.57
N GLY A 168 22.77 -21.60 -19.52
CA GLY A 168 23.43 -21.64 -20.82
C GLY A 168 22.75 -20.66 -21.77
N GLU A 169 22.46 -21.11 -22.99
CA GLU A 169 21.80 -20.25 -23.97
C GLU A 169 20.34 -20.02 -23.62
N ILE A 170 19.86 -18.80 -23.88
CA ILE A 170 18.47 -18.45 -23.61
C ILE A 170 17.85 -18.35 -24.99
N LYS A 171 17.14 -19.40 -25.40
CA LYS A 171 16.49 -19.41 -26.70
C LYS A 171 15.26 -18.54 -26.77
N GLY A 172 14.65 -18.29 -25.61
CA GLY A 172 13.46 -17.46 -25.56
C GLY A 172 12.76 -17.61 -24.22
N TRP A 173 11.49 -17.24 -24.17
CA TRP A 173 10.71 -17.34 -22.94
C TRP A 173 9.40 -18.10 -23.13
N ARG A 174 8.89 -18.66 -22.05
CA ARG A 174 7.63 -19.41 -22.07
C ARG A 174 6.83 -19.28 -20.78
N PHE A 175 5.51 -19.11 -20.90
CA PHE A 175 4.66 -18.99 -19.73
C PHE A 175 4.34 -20.42 -19.33
N THR A 176 4.78 -20.79 -18.14
CA THR A 176 4.57 -22.13 -17.61
C THR A 176 3.71 -22.25 -16.36
N ARG A 177 3.44 -23.50 -15.99
CA ARG A 177 2.64 -23.79 -14.81
C ARG A 177 3.67 -24.43 -13.87
N GLN A 178 3.38 -24.44 -12.58
CA GLN A 178 4.29 -25.02 -11.60
C GLN A 178 4.27 -26.54 -11.80
N SER A 179 5.42 -27.19 -11.66
CA SER A 179 5.52 -28.65 -11.82
C SER A 179 5.42 -29.29 -10.44
N ARG A 180 5.47 -30.61 -10.40
CA ARG A 180 5.40 -31.34 -9.13
C ARG A 180 6.78 -31.86 -8.77
N ARG A 181 7.82 -31.27 -9.38
CA ARG A 181 9.20 -31.68 -9.11
C ARG A 181 9.45 -31.67 -7.60
N ARG A 182 10.07 -32.72 -7.08
CA ARG A 182 10.35 -32.83 -5.65
C ARG A 182 11.55 -33.74 -5.44
N TRP A 183 11.76 -34.23 -4.21
CA TRP A 183 12.92 -35.11 -3.96
C TRP A 183 12.68 -36.42 -3.22
N ASN A 184 13.59 -37.35 -3.44
CA ASN A 184 13.57 -38.67 -2.81
C ASN A 184 14.54 -38.40 -1.64
N ASP A 185 13.99 -38.08 -0.46
CA ASP A 185 14.79 -37.79 0.73
C ASP A 185 15.43 -38.99 1.43
N TYR A 186 16.44 -38.70 2.24
CA TYR A 186 17.18 -39.70 3.00
C TYR A 186 18.25 -39.00 3.81
N PHE A 187 18.65 -39.60 4.93
CA PHE A 187 19.67 -39.00 5.77
C PHE A 187 20.94 -39.81 5.91
N GLU A 188 22.07 -39.14 5.98
CA GLU A 188 23.32 -39.84 6.15
C GLU A 188 23.59 -39.70 7.64
N GLU A 189 23.88 -40.82 8.29
CA GLU A 189 24.15 -40.83 9.71
C GLU A 189 25.65 -40.76 10.00
N ARG A 190 26.02 -39.94 10.97
CA ARG A 190 27.42 -39.77 11.36
C ARG A 190 27.49 -39.64 12.89
N VAL A 191 28.70 -39.73 13.46
CA VAL A 191 28.87 -39.64 14.90
C VAL A 191 29.82 -38.51 15.30
N SER A 192 29.43 -37.73 16.31
CA SER A 192 30.25 -36.62 16.79
C SER A 192 31.38 -37.12 17.68
N PRO A 193 32.35 -36.24 17.99
CA PRO A 193 33.49 -36.59 18.85
C PRO A 193 33.05 -37.04 20.24
N PHE A 194 31.83 -36.65 20.64
CA PHE A 194 31.31 -37.02 21.95
C PHE A 194 30.36 -38.22 21.95
N GLY A 195 30.38 -38.98 20.86
CA GLY A 195 29.52 -40.16 20.76
C GLY A 195 28.08 -39.98 20.34
N GLU A 196 27.64 -38.75 20.11
CA GLU A 196 26.25 -38.53 19.69
C GLU A 196 26.16 -38.47 18.17
N LYS A 197 25.23 -39.25 17.61
CA LYS A 197 25.08 -39.25 16.17
C LYS A 197 24.25 -38.06 15.70
N TYR A 198 24.53 -37.59 14.49
CA TYR A 198 23.81 -36.46 13.94
C TYR A 198 23.42 -36.83 12.52
N TYR A 199 22.49 -36.08 11.93
CA TYR A 199 22.05 -36.38 10.58
C TYR A 199 22.16 -35.28 9.56
N TRP A 200 22.54 -35.67 8.35
CA TRP A 200 22.71 -34.76 7.23
C TRP A 200 21.58 -35.05 6.24
N MET A 201 20.79 -34.03 5.90
CA MET A 201 19.69 -34.25 4.96
C MET A 201 20.30 -34.35 3.57
N MET A 202 19.79 -35.30 2.78
CA MET A 202 20.28 -35.50 1.43
C MET A 202 19.11 -35.92 0.54
N GLY A 203 19.34 -36.01 -0.76
CA GLY A 203 18.26 -36.40 -1.64
C GLY A 203 18.65 -36.49 -3.11
N GLU A 204 17.75 -37.08 -3.90
CA GLU A 204 17.93 -37.26 -5.33
C GLU A 204 16.63 -36.69 -5.94
N VAL A 205 16.77 -35.87 -6.98
CA VAL A 205 15.60 -35.26 -7.62
C VAL A 205 14.65 -36.22 -8.32
N ILE A 206 13.36 -35.87 -8.28
CA ILE A 206 12.31 -36.65 -8.91
C ILE A 206 11.67 -35.78 -9.99
N GLU A 207 11.81 -36.17 -11.26
CA GLU A 207 11.23 -35.40 -12.37
C GLU A 207 10.27 -36.41 -13.01
N ASP A 208 8.99 -36.32 -12.65
CA ASP A 208 7.99 -37.22 -13.18
C ASP A 208 6.70 -36.56 -13.63
N ASP A 209 6.76 -35.28 -14.00
CA ASP A 209 5.57 -34.60 -14.45
C ASP A 209 5.25 -34.98 -15.90
N ASP A 210 4.03 -35.45 -16.15
CA ASP A 210 3.66 -35.84 -17.51
C ASP A 210 3.14 -34.70 -18.37
N ARG A 211 2.91 -33.54 -17.77
CA ARG A 211 2.42 -32.38 -18.51
C ARG A 211 3.62 -31.76 -19.23
N ASP A 212 3.41 -31.24 -20.43
CA ASP A 212 4.51 -30.65 -21.19
C ASP A 212 4.78 -29.15 -20.97
N ASP A 213 3.86 -28.44 -20.33
CA ASP A 213 4.05 -27.01 -20.12
C ASP A 213 4.48 -26.60 -18.70
N VAL A 214 5.20 -27.48 -18.00
CA VAL A 214 5.66 -27.21 -16.64
C VAL A 214 7.04 -26.53 -16.60
N ASP A 215 7.32 -25.83 -15.51
CA ASP A 215 8.60 -25.12 -15.36
C ASP A 215 9.93 -25.76 -15.72
N TYR A 216 10.27 -26.90 -15.13
CA TYR A 216 11.57 -27.51 -15.45
C TYR A 216 11.77 -27.96 -16.89
N LYS A 217 10.70 -28.37 -17.58
CA LYS A 217 10.85 -28.81 -18.96
C LYS A 217 11.24 -27.62 -19.86
N ALA A 218 10.71 -26.45 -19.55
CA ALA A 218 11.01 -25.27 -20.34
C ALA A 218 12.49 -24.90 -20.17
N VAL A 219 12.96 -24.92 -18.93
CA VAL A 219 14.35 -24.60 -18.62
C VAL A 219 15.36 -25.57 -19.26
N ARG A 220 15.00 -26.85 -19.27
CA ARG A 220 15.87 -27.87 -19.85
C ARG A 220 16.02 -27.69 -21.36
N GLU A 221 14.98 -27.17 -22.00
CA GLU A 221 14.98 -26.92 -23.44
C GLU A 221 15.66 -25.60 -23.81
N GLY A 222 16.14 -24.88 -22.80
CA GLY A 222 16.81 -23.61 -23.05
C GLY A 222 15.90 -22.39 -23.08
N TYR A 223 14.73 -22.48 -22.48
CA TYR A 223 13.81 -21.35 -22.45
C TYR A 223 13.51 -20.88 -21.02
N VAL A 224 13.31 -19.58 -20.87
CA VAL A 224 13.02 -19.01 -19.57
C VAL A 224 11.60 -19.40 -19.18
N SER A 225 11.46 -19.90 -17.95
CA SER A 225 10.16 -20.32 -17.44
C SER A 225 9.57 -19.16 -16.63
N ILE A 226 8.35 -18.76 -16.98
CA ILE A 226 7.66 -17.67 -16.29
C ILE A 226 6.32 -18.21 -15.80
N THR A 227 6.21 -18.38 -14.48
CA THR A 227 4.99 -18.90 -13.87
C THR A 227 4.23 -17.91 -12.99
N PRO A 228 2.94 -17.68 -13.29
CA PRO A 228 2.17 -16.76 -12.46
C PRO A 228 1.63 -17.55 -11.28
N ILE A 229 1.97 -17.16 -10.05
CA ILE A 229 1.49 -17.86 -8.86
C ILE A 229 0.84 -16.92 -7.85
N HIS A 230 -0.05 -17.47 -7.02
CA HIS A 230 -0.73 -16.68 -5.99
C HIS A 230 -0.84 -17.48 -4.67
N PRO A 231 -1.08 -16.77 -3.55
CA PRO A 231 -1.19 -17.44 -2.24
C PRO A 231 -2.47 -18.17 -1.90
N PHE A 232 -2.91 -19.07 -2.79
CA PHE A 232 -4.13 -19.83 -2.56
C PHE A 232 -3.81 -21.29 -2.83
N LEU A 233 -3.95 -22.13 -1.80
CA LEU A 233 -3.66 -23.56 -1.90
C LEU A 233 -4.84 -24.55 -1.88
N THR A 234 -6.07 -24.04 -1.91
CA THR A 234 -7.21 -24.94 -1.89
C THR A 234 -7.24 -25.90 -3.08
N ASN A 235 -7.55 -27.17 -2.83
CA ASN A 235 -7.62 -28.16 -3.90
C ASN A 235 -9.12 -28.16 -4.21
N GLU A 236 -9.51 -27.34 -5.17
CA GLU A 236 -10.91 -27.19 -5.59
C GLU A 236 -11.60 -28.50 -5.97
N GLN A 237 -10.93 -29.30 -6.79
CA GLN A 237 -11.46 -30.59 -7.23
C GLN A 237 -11.84 -31.48 -6.05
N CYS A 238 -10.94 -31.60 -5.09
CA CYS A 238 -11.17 -32.43 -3.92
C CYS A 238 -12.28 -31.85 -3.03
N LEU A 239 -12.31 -30.53 -2.90
CA LEU A 239 -13.32 -29.86 -2.08
C LEU A 239 -14.73 -30.18 -2.61
N LYS A 240 -14.89 -30.14 -3.93
CA LYS A 240 -16.19 -30.43 -4.53
C LYS A 240 -16.62 -31.87 -4.26
N LYS A 241 -15.66 -32.79 -4.26
CA LYS A 241 -15.95 -34.20 -4.02
C LYS A 241 -16.39 -34.44 -2.58
N LEU A 242 -15.65 -33.89 -1.62
CA LEU A 242 -15.97 -34.05 -0.21
C LEU A 242 -17.36 -33.53 0.14
N ARG A 243 -17.76 -32.44 -0.50
CA ARG A 243 -19.08 -31.86 -0.25
C ARG A 243 -20.16 -32.72 -0.89
N GLU A 244 -19.96 -33.09 -2.14
CA GLU A 244 -20.93 -33.91 -2.86
C GLU A 244 -21.15 -35.25 -2.17
N VAL A 245 -20.22 -35.61 -1.28
CA VAL A 245 -20.33 -36.88 -0.56
C VAL A 245 -21.04 -36.66 0.77
N TYR A 246 -20.53 -35.73 1.57
CA TYR A 246 -21.13 -35.44 2.87
C TYR A 246 -22.20 -34.36 2.73
N ASP A 247 -22.12 -33.32 3.55
CA ASP A 247 -23.10 -32.23 3.49
C ASP A 247 -24.53 -32.78 3.47
N MET B 1 -2.20 0.93 17.23
CA MET B 1 -1.42 1.92 16.43
C MET B 1 -1.69 3.35 16.91
N ARG B 2 -0.84 4.28 16.48
CA ARG B 2 -0.97 5.68 16.86
C ARG B 2 -1.85 6.41 15.85
N ILE B 3 -3.02 6.87 16.30
CA ILE B 3 -3.96 7.57 15.45
C ILE B 3 -4.09 9.07 15.76
N LEU B 4 -4.10 9.88 14.72
CA LEU B 4 -4.24 11.33 14.87
C LEU B 4 -5.64 11.71 14.40
N VAL B 5 -6.37 12.46 15.23
CA VAL B 5 -7.71 12.88 14.88
C VAL B 5 -7.82 14.41 14.84
N THR B 6 -8.46 14.93 13.79
CA THR B 6 -8.64 16.37 13.64
C THR B 6 -9.97 16.64 12.94
N ASN B 7 -10.30 17.91 12.69
CA ASN B 7 -11.55 18.25 12.01
C ASN B 7 -11.55 19.73 11.63
N ASP B 8 -12.69 20.23 11.16
CA ASP B 8 -12.79 21.64 10.78
C ASP B 8 -13.94 22.36 11.50
N ASP B 9 -14.71 21.62 12.29
CA ASP B 9 -15.83 22.21 13.02
C ASP B 9 -15.44 22.62 14.45
N GLY B 10 -14.20 22.38 14.83
CA GLY B 10 -13.78 22.76 16.18
C GLY B 10 -13.61 21.60 17.14
N ILE B 11 -12.63 21.72 18.03
CA ILE B 11 -12.35 20.68 19.02
C ILE B 11 -13.50 20.34 19.98
N GLN B 12 -14.49 21.21 20.08
CA GLN B 12 -15.62 20.94 20.97
C GLN B 12 -16.80 20.30 20.23
N SER B 13 -16.62 20.09 18.93
CA SER B 13 -17.67 19.49 18.12
C SER B 13 -17.96 18.06 18.56
N LYS B 14 -19.23 17.71 18.60
CA LYS B 14 -19.62 16.36 19.00
C LYS B 14 -19.08 15.38 17.98
N GLY B 15 -19.00 15.81 16.73
CA GLY B 15 -18.49 14.94 15.68
C GLY B 15 -17.08 14.43 15.85
N ILE B 16 -16.22 15.24 16.47
CA ILE B 16 -14.84 14.81 16.67
C ILE B 16 -14.69 14.07 18.00
N ILE B 17 -15.53 14.41 18.97
CA ILE B 17 -15.48 13.77 20.28
C ILE B 17 -15.87 12.30 20.22
N VAL B 18 -17.02 12.00 19.63
CA VAL B 18 -17.48 10.61 19.54
C VAL B 18 -16.45 9.77 18.77
N LEU B 19 -15.87 10.36 17.73
CA LEU B 19 -14.88 9.66 16.92
C LEU B 19 -13.66 9.31 17.76
N ALA B 20 -13.21 10.26 18.58
CA ALA B 20 -12.04 10.05 19.42
C ALA B 20 -12.28 8.95 20.46
N GLU B 21 -13.46 8.99 21.09
CA GLU B 21 -13.81 8.00 22.11
C GLU B 21 -13.80 6.57 21.60
N LEU B 22 -14.49 6.32 20.50
CA LEU B 22 -14.55 4.97 19.93
C LEU B 22 -13.19 4.44 19.50
N LEU B 23 -12.40 5.28 18.83
CA LEU B 23 -11.08 4.87 18.38
C LEU B 23 -10.09 4.59 19.50
N SER B 24 -10.29 5.25 20.65
CA SER B 24 -9.41 5.07 21.80
C SER B 24 -9.61 3.74 22.51
N GLU B 25 -10.63 2.99 22.11
CA GLU B 25 -10.90 1.70 22.74
C GLU B 25 -9.78 0.68 22.49
N GLU B 26 -9.16 0.75 21.31
CA GLU B 26 -8.09 -0.18 20.99
C GLU B 26 -6.80 0.45 20.49
N HIS B 27 -6.79 1.78 20.32
CA HIS B 27 -5.57 2.43 19.84
C HIS B 27 -5.20 3.69 20.61
N GLU B 28 -3.97 4.15 20.39
CA GLU B 28 -3.45 5.35 21.05
C GLU B 28 -3.91 6.54 20.21
N VAL B 29 -4.89 7.29 20.71
CA VAL B 29 -5.43 8.44 20.01
C VAL B 29 -4.95 9.82 20.46
N PHE B 30 -4.55 10.63 19.48
CA PHE B 30 -4.06 11.99 19.72
C PHE B 30 -4.99 12.93 18.96
N VAL B 31 -5.56 13.92 19.63
CA VAL B 31 -6.45 14.86 18.97
C VAL B 31 -5.84 16.26 18.91
N VAL B 32 -5.74 16.81 17.68
CA VAL B 32 -5.19 18.15 17.48
C VAL B 32 -6.12 18.83 16.49
N ALA B 33 -6.93 19.77 16.98
CA ALA B 33 -7.87 20.46 16.12
C ALA B 33 -8.02 21.95 16.42
N PRO B 34 -8.67 22.68 15.51
CA PRO B 34 -8.88 24.13 15.66
C PRO B 34 -9.66 24.46 16.93
N ASP B 35 -9.28 25.56 17.59
CA ASP B 35 -9.95 25.96 18.82
C ASP B 35 -11.41 26.33 18.57
N LYS B 36 -11.70 26.77 17.36
CA LYS B 36 -13.07 27.15 17.00
C LYS B 36 -13.43 26.64 15.61
N GLU B 37 -14.73 26.57 15.33
CA GLU B 37 -15.19 26.10 14.04
C GLU B 37 -14.68 26.97 12.89
N ARG B 38 -14.18 26.31 11.85
CA ARG B 38 -13.64 26.97 10.67
C ARG B 38 -14.69 26.90 9.56
N SER B 39 -14.59 27.80 8.61
CA SER B 39 -15.53 27.83 7.48
C SER B 39 -14.86 27.15 6.30
N ALA B 40 -15.36 27.42 5.11
CA ALA B 40 -14.81 26.83 3.89
C ALA B 40 -13.40 27.41 3.70
N THR B 41 -12.45 26.93 4.50
CA THR B 41 -11.07 27.40 4.44
C THR B 41 -10.16 26.66 3.46
N GLY B 42 -10.70 25.66 2.76
CA GLY B 42 -9.89 24.90 1.82
C GLY B 42 -8.58 24.41 2.40
N HIS B 43 -7.52 24.38 1.58
CA HIS B 43 -6.23 23.92 2.05
C HIS B 43 -5.33 25.05 2.54
N SER B 44 -5.89 25.96 3.33
CA SER B 44 -5.12 27.09 3.86
C SER B 44 -4.12 26.63 4.92
N ILE B 45 -2.97 27.32 5.00
CA ILE B 45 -1.93 27.00 5.98
C ILE B 45 -1.40 28.34 6.51
N THR B 46 -0.88 28.34 7.74
CA THR B 46 -0.35 29.54 8.37
C THR B 46 1.17 29.65 8.33
N ILE B 47 1.66 30.57 7.50
CA ILE B 47 3.09 30.78 7.35
C ILE B 47 3.56 32.19 7.71
N HIS B 48 2.65 33.16 7.66
CA HIS B 48 2.99 34.56 7.96
C HIS B 48 3.00 35.02 9.41
N VAL B 49 2.39 34.25 10.30
CA VAL B 49 2.35 34.59 11.72
C VAL B 49 2.54 33.29 12.48
N PRO B 50 2.90 33.37 13.77
CA PRO B 50 3.10 32.15 14.55
C PRO B 50 1.82 31.39 14.88
N LEU B 51 1.97 30.13 15.26
CA LEU B 51 0.85 29.27 15.62
C LEU B 51 0.94 28.98 17.12
N TRP B 52 -0.23 28.82 17.75
CA TRP B 52 -0.30 28.54 19.18
C TRP B 52 -1.11 27.27 19.47
N MET B 53 -0.72 26.56 20.52
CA MET B 53 -1.42 25.33 20.92
C MET B 53 -1.81 25.38 22.41
N LYS B 54 -2.88 24.69 22.75
CA LYS B 54 -3.37 24.64 24.12
C LYS B 54 -3.79 23.22 24.47
N LYS B 55 -3.24 22.68 25.55
CA LYS B 55 -3.56 21.33 25.98
C LYS B 55 -4.89 21.28 26.71
N VAL B 56 -5.85 20.54 26.15
CA VAL B 56 -7.17 20.41 26.74
C VAL B 56 -7.54 18.94 26.75
N PHE B 57 -8.26 18.49 27.78
CA PHE B 57 -8.65 17.10 27.85
C PHE B 57 -10.09 16.84 27.44
N ILE B 58 -10.34 15.59 27.02
CA ILE B 58 -11.67 15.17 26.60
C ILE B 58 -12.00 13.86 27.30
N SER B 59 -10.95 13.24 27.84
CA SER B 59 -11.04 11.98 28.56
C SER B 59 -9.65 11.34 28.56
N GLU B 60 -9.50 10.23 29.28
CA GLU B 60 -8.22 9.55 29.34
C GLU B 60 -8.06 8.71 28.07
N ARG B 61 -6.88 8.11 27.90
CA ARG B 61 -6.59 7.28 26.73
C ARG B 61 -6.42 8.17 25.49
N VAL B 62 -6.72 9.46 25.64
CA VAL B 62 -6.60 10.40 24.54
C VAL B 62 -5.95 11.72 24.95
N VAL B 63 -4.90 12.10 24.24
CA VAL B 63 -4.19 13.34 24.50
C VAL B 63 -4.76 14.34 23.49
N ALA B 64 -5.27 15.48 23.97
CA ALA B 64 -5.83 16.47 23.06
C ALA B 64 -5.28 17.89 23.20
N TYR B 65 -5.24 18.59 22.08
CA TYR B 65 -4.75 19.97 22.03
C TYR B 65 -5.55 20.74 20.99
N SER B 66 -5.82 22.01 21.25
CA SER B 66 -6.56 22.85 20.32
C SER B 66 -5.53 23.85 19.80
N THR B 67 -5.66 24.30 18.56
CA THR B 67 -4.70 25.25 18.02
C THR B 67 -5.38 26.43 17.34
N THR B 68 -4.60 27.48 17.07
CA THR B 68 -5.10 28.67 16.42
C THR B 68 -4.96 28.54 14.90
N GLY B 69 -4.61 27.35 14.43
CA GLY B 69 -4.44 27.14 13.00
C GLY B 69 -5.57 26.44 12.26
N THR B 70 -5.32 26.16 10.98
CA THR B 70 -6.29 25.48 10.11
C THR B 70 -6.15 23.97 10.27
N PRO B 71 -7.05 23.18 9.66
CA PRO B 71 -6.94 21.72 9.78
C PRO B 71 -5.57 21.22 9.31
N ALA B 72 -5.08 21.76 8.20
CA ALA B 72 -3.79 21.34 7.69
C ALA B 72 -2.72 21.74 8.70
N ASP B 73 -2.86 22.92 9.31
CA ASP B 73 -1.87 23.37 10.30
C ASP B 73 -1.84 22.35 11.44
N CYS B 74 -3.03 21.91 11.85
CA CYS B 74 -3.16 20.95 12.95
C CYS B 74 -2.41 19.64 12.68
N VAL B 75 -2.49 19.14 11.46
CA VAL B 75 -1.81 17.90 11.09
C VAL B 75 -0.29 18.08 11.11
N LYS B 76 0.18 19.24 10.63
CA LYS B 76 1.62 19.50 10.60
C LYS B 76 2.18 19.57 12.03
N LEU B 77 1.45 20.23 12.93
CA LEU B 77 1.85 20.37 14.33
C LEU B 77 1.86 19.04 15.08
N ALA B 78 0.79 18.27 14.90
CA ALA B 78 0.68 16.97 15.57
C ALA B 78 1.84 16.06 15.16
N TYR B 79 2.12 15.99 13.87
CA TYR B 79 3.19 15.15 13.35
C TYR B 79 4.59 15.56 13.85
N ASN B 80 4.90 16.84 13.81
CA ASN B 80 6.21 17.33 14.25
C ASN B 80 6.44 17.64 15.72
N VAL B 81 5.46 18.24 16.36
CA VAL B 81 5.59 18.60 17.77
C VAL B 81 5.02 17.64 18.79
N VAL B 82 3.88 17.03 18.48
CA VAL B 82 3.24 16.10 19.39
C VAL B 82 3.50 14.59 19.25
N MET B 83 3.51 14.08 18.02
CA MET B 83 3.73 12.65 17.81
C MET B 83 5.11 12.13 17.37
N ASP B 84 6.16 12.92 17.58
CA ASP B 84 7.52 12.50 17.22
C ASP B 84 7.64 11.89 15.82
N LYS B 85 6.90 12.44 14.85
CA LYS B 85 6.93 11.95 13.48
C LYS B 85 6.53 10.48 13.33
N ARG B 86 5.76 9.97 14.28
CA ARG B 86 5.31 8.58 14.22
C ARG B 86 3.79 8.53 14.24
N VAL B 87 3.21 8.48 13.04
CA VAL B 87 1.75 8.43 12.86
C VAL B 87 1.35 7.27 11.95
N ASP B 88 0.44 6.43 12.41
CA ASP B 88 -0.01 5.30 11.61
C ASP B 88 -1.27 5.57 10.81
N LEU B 89 -2.15 6.42 11.33
CA LEU B 89 -3.39 6.75 10.63
C LEU B 89 -3.91 8.12 11.03
N ILE B 90 -4.52 8.82 10.07
CA ILE B 90 -5.08 10.13 10.30
C ILE B 90 -6.55 10.14 9.90
N VAL B 91 -7.40 10.63 10.79
CA VAL B 91 -8.83 10.70 10.50
C VAL B 91 -9.33 12.13 10.77
N SER B 92 -9.89 12.76 9.74
CA SER B 92 -10.41 14.12 9.83
C SER B 92 -11.95 14.07 9.77
N GLY B 93 -12.60 14.42 10.88
CA GLY B 93 -14.05 14.40 10.95
C GLY B 93 -14.50 14.19 12.39
N VAL B 94 -15.77 13.82 12.62
CA VAL B 94 -16.76 13.59 11.57
C VAL B 94 -17.40 14.95 11.28
N ASN B 95 -17.31 15.40 10.03
CA ASN B 95 -17.89 16.69 9.65
C ASN B 95 -19.40 16.78 9.64
N ARG B 96 -19.91 17.98 9.94
CA ARG B 96 -21.34 18.21 9.95
C ARG B 96 -21.66 18.70 8.54
N GLY B 97 -22.22 17.82 7.72
CA GLY B 97 -22.56 18.19 6.37
C GLY B 97 -21.71 17.45 5.34
N PRO B 98 -22.19 17.34 4.08
CA PRO B 98 -21.46 16.64 3.03
C PRO B 98 -20.26 17.37 2.41
N ASN B 99 -19.38 16.58 1.81
CA ASN B 99 -18.18 17.08 1.14
C ASN B 99 -18.01 16.21 -0.10
N MET B 100 -18.72 16.61 -1.16
CA MET B 100 -18.70 15.90 -2.44
C MET B 100 -18.55 16.83 -3.64
N GLY B 101 -18.16 16.23 -4.77
CA GLY B 101 -17.97 16.99 -5.99
C GLY B 101 -16.88 18.05 -5.88
N MET B 102 -17.04 19.13 -6.64
CA MET B 102 -16.07 20.22 -6.62
C MET B 102 -15.98 20.93 -5.26
N ASP B 103 -16.99 20.74 -4.42
CA ASP B 103 -16.99 21.38 -3.11
C ASP B 103 -15.83 20.90 -2.24
N ILE B 104 -15.23 19.77 -2.59
CA ILE B 104 -14.11 19.28 -1.79
C ILE B 104 -12.93 20.24 -1.83
N LEU B 105 -12.88 21.08 -2.86
CA LEU B 105 -11.79 22.05 -2.98
C LEU B 105 -11.77 23.11 -1.88
N HIS B 106 -12.92 23.45 -1.31
CA HIS B 106 -12.92 24.45 -0.25
C HIS B 106 -13.24 23.86 1.11
N SER B 107 -13.11 22.54 1.21
CA SER B 107 -13.38 21.81 2.45
C SER B 107 -12.21 21.69 3.42
N GLY B 108 -12.38 22.18 4.64
CA GLY B 108 -11.33 22.09 5.62
C GLY B 108 -11.15 20.64 6.07
N THR B 109 -12.26 19.90 6.12
CA THR B 109 -12.25 18.50 6.53
C THR B 109 -11.33 17.69 5.60
N VAL B 110 -11.53 17.88 4.30
CA VAL B 110 -10.73 17.18 3.31
C VAL B 110 -9.27 17.60 3.37
N SER B 111 -9.05 18.89 3.62
CA SER B 111 -7.70 19.44 3.71
C SER B 111 -6.87 18.76 4.78
N GLY B 112 -7.47 18.50 5.94
CA GLY B 112 -6.74 17.86 7.01
C GLY B 112 -6.22 16.48 6.59
N ALA B 113 -7.09 15.69 5.96
CA ALA B 113 -6.68 14.36 5.53
C ALA B 113 -5.69 14.44 4.37
N MET B 114 -5.88 15.42 3.48
CA MET B 114 -4.98 15.57 2.33
C MET B 114 -3.56 15.93 2.77
N GLU B 115 -3.43 16.64 3.88
CA GLU B 115 -2.10 17.00 4.38
C GLU B 115 -1.41 15.70 4.79
N GLY B 116 -2.19 14.76 5.31
CA GLY B 116 -1.63 13.49 5.73
C GLY B 116 -1.20 12.71 4.50
N ALA B 117 -2.00 12.76 3.44
CA ALA B 117 -1.69 12.05 2.21
C ALA B 117 -0.40 12.58 1.56
N MET B 118 -0.19 13.89 1.64
CA MET B 118 1.00 14.51 1.08
C MET B 118 2.25 14.04 1.83
N MET B 119 2.05 13.63 3.08
CA MET B 119 3.13 13.15 3.92
C MET B 119 3.23 11.64 3.78
N ASN B 120 2.36 11.11 2.93
CA ASN B 120 2.31 9.67 2.67
C ASN B 120 1.88 8.84 3.88
N ILE B 121 0.90 9.34 4.62
CA ILE B 121 0.38 8.64 5.80
C ILE B 121 -1.06 8.27 5.47
N PRO B 122 -1.47 7.02 5.76
CA PRO B 122 -2.86 6.61 5.46
C PRO B 122 -3.80 7.62 6.13
N SER B 123 -4.62 8.28 5.32
CA SER B 123 -5.56 9.29 5.83
C SER B 123 -6.99 9.15 5.33
N ILE B 124 -7.94 9.53 6.19
CA ILE B 124 -9.35 9.47 5.87
C ILE B 124 -10.13 10.72 6.27
N ALA B 125 -11.00 11.20 5.38
CA ALA B 125 -11.81 12.38 5.66
C ALA B 125 -13.21 11.76 5.77
N ILE B 126 -13.92 12.02 6.86
CA ILE B 126 -15.25 11.44 6.99
C ILE B 126 -16.29 12.51 7.35
N SER B 127 -17.40 12.51 6.62
CA SER B 127 -18.50 13.46 6.81
C SER B 127 -19.88 12.81 6.90
N SER B 128 -20.77 13.39 7.71
CA SER B 128 -22.13 12.91 7.86
C SER B 128 -22.85 13.77 6.82
N ALA B 129 -23.39 13.14 5.78
CA ALA B 129 -24.08 13.84 4.71
C ALA B 129 -25.41 14.60 4.91
N ASN B 130 -25.64 15.16 6.09
CA ASN B 130 -26.87 15.91 6.34
C ASN B 130 -26.51 17.02 7.33
N TYR B 131 -26.42 18.25 6.82
CA TYR B 131 -26.09 19.40 7.66
C TYR B 131 -27.16 19.73 8.70
N GLU B 132 -28.42 19.70 8.29
CA GLU B 132 -29.53 20.00 9.19
C GLU B 132 -29.66 18.99 10.32
N SER B 133 -29.57 17.70 9.98
CA SER B 133 -29.69 16.64 10.97
C SER B 133 -28.60 15.59 10.79
N PRO B 134 -27.39 15.87 11.31
CA PRO B 134 -26.26 14.95 11.21
C PRO B 134 -26.37 13.75 12.14
N ASP B 135 -25.61 12.71 11.84
CA ASP B 135 -25.60 11.49 12.64
C ASP B 135 -24.13 11.14 12.85
N PHE B 136 -23.50 11.83 13.80
CA PHE B 136 -22.10 11.61 14.12
C PHE B 136 -21.79 10.20 14.61
N GLU B 137 -22.65 9.67 15.47
CA GLU B 137 -22.45 8.33 16.00
C GLU B 137 -22.51 7.28 14.89
N GLY B 138 -23.52 7.38 14.05
CA GLY B 138 -23.67 6.44 12.95
C GLY B 138 -22.46 6.42 12.02
N ALA B 139 -21.92 7.61 11.75
CA ALA B 139 -20.76 7.72 10.88
C ALA B 139 -19.52 7.14 11.53
N ALA B 140 -19.35 7.41 12.82
CA ALA B 140 -18.19 6.90 13.57
C ALA B 140 -18.22 5.38 13.68
N ARG B 141 -19.41 4.82 13.92
CA ARG B 141 -19.51 3.37 14.04
C ARG B 141 -19.25 2.68 12.71
N PHE B 142 -19.64 3.33 11.61
CA PHE B 142 -19.41 2.75 10.29
C PHE B 142 -17.90 2.65 10.10
N LEU B 143 -17.21 3.72 10.47
CA LEU B 143 -15.76 3.76 10.33
C LEU B 143 -15.04 2.65 11.08
N ILE B 144 -15.48 2.36 12.30
CA ILE B 144 -14.85 1.31 13.08
C ILE B 144 -14.97 -0.03 12.35
N ASP B 145 -16.14 -0.31 11.79
CA ASP B 145 -16.34 -1.57 11.07
C ASP B 145 -15.55 -1.61 9.75
N PHE B 146 -15.52 -0.48 9.06
CA PHE B 146 -14.79 -0.38 7.78
C PHE B 146 -13.30 -0.65 7.95
N LEU B 147 -12.70 -0.11 9.00
CA LEU B 147 -11.28 -0.30 9.25
C LEU B 147 -10.86 -1.76 9.38
N LYS B 148 -11.78 -2.62 9.84
CA LYS B 148 -11.49 -4.05 10.00
C LYS B 148 -11.62 -4.81 8.69
N GLU B 149 -12.17 -4.15 7.68
CA GLU B 149 -12.34 -4.78 6.38
C GLU B 149 -11.58 -4.12 5.24
N PHE B 150 -10.79 -3.09 5.55
CA PHE B 150 -10.04 -2.41 4.50
C PHE B 150 -8.54 -2.70 4.53
N ASP B 151 -7.99 -3.05 3.37
CA ASP B 151 -6.57 -3.36 3.16
C ASP B 151 -5.85 -2.07 2.75
N PHE B 152 -5.17 -1.41 3.70
CA PHE B 152 -4.48 -0.17 3.37
C PHE B 152 -3.32 -0.26 2.38
N SER B 153 -2.89 -1.45 2.02
CA SER B 153 -1.79 -1.53 1.06
C SER B 153 -2.35 -1.19 -0.32
N LEU B 154 -3.67 -1.23 -0.46
CA LEU B 154 -4.32 -0.91 -1.74
C LEU B 154 -4.40 0.59 -1.98
N LEU B 155 -4.08 1.37 -0.96
CA LEU B 155 -4.11 2.83 -1.08
C LEU B 155 -2.75 3.28 -1.63
N ASP B 156 -2.73 3.75 -2.88
CA ASP B 156 -1.50 4.20 -3.52
C ASP B 156 -0.82 5.38 -2.82
N PRO B 157 0.46 5.64 -3.13
CA PRO B 157 1.13 6.76 -2.47
C PRO B 157 0.41 8.10 -2.67
N PHE B 158 0.54 8.96 -1.67
CA PHE B 158 -0.09 10.29 -1.70
C PHE B 158 -1.60 10.23 -1.91
N THR B 159 -2.21 9.09 -1.64
CA THR B 159 -3.66 8.94 -1.82
C THR B 159 -4.42 8.74 -0.51
N MET B 160 -5.54 9.45 -0.36
CA MET B 160 -6.39 9.37 0.84
C MET B 160 -7.80 8.94 0.45
N LEU B 161 -8.66 8.72 1.45
CA LEU B 161 -10.05 8.31 1.20
C LEU B 161 -11.04 9.38 1.65
N ASN B 162 -11.92 9.83 0.74
CA ASN B 162 -12.93 10.85 1.10
C ASN B 162 -14.23 10.09 1.27
N ILE B 163 -14.71 10.00 2.51
CA ILE B 163 -15.94 9.29 2.82
C ILE B 163 -17.13 10.14 3.26
N ASN B 164 -18.29 9.85 2.67
CA ASN B 164 -19.53 10.55 2.99
C ASN B 164 -20.55 9.49 3.40
N VAL B 165 -21.03 9.61 4.63
CA VAL B 165 -22.00 8.67 5.18
C VAL B 165 -23.43 9.20 5.21
N PRO B 166 -24.38 8.42 4.67
CA PRO B 166 -25.79 8.83 4.66
C PRO B 166 -26.25 9.01 6.10
N ALA B 167 -27.05 10.04 6.35
CA ALA B 167 -27.54 10.30 7.70
C ALA B 167 -28.58 9.28 8.17
N GLY B 168 -29.42 8.82 7.26
CA GLY B 168 -30.44 7.85 7.63
C GLY B 168 -29.86 6.46 7.80
N GLU B 169 -30.58 5.44 7.36
CA GLU B 169 -30.11 4.07 7.48
C GLU B 169 -29.12 3.80 6.36
N ILE B 170 -28.06 3.03 6.67
CA ILE B 170 -27.03 2.70 5.69
C ILE B 170 -27.31 1.35 5.02
N LYS B 171 -27.53 1.38 3.71
CA LYS B 171 -27.80 0.16 2.95
C LYS B 171 -26.53 -0.64 2.63
N GLY B 172 -25.41 0.08 2.55
CA GLY B 172 -24.13 -0.55 2.25
C GLY B 172 -23.11 0.51 1.85
N TRP B 173 -22.02 0.10 1.22
CA TRP B 173 -21.01 1.07 0.80
C TRP B 173 -20.51 0.84 -0.61
N ARG B 174 -20.00 1.90 -1.21
CA ARG B 174 -19.49 1.84 -2.58
C ARG B 174 -18.25 2.68 -2.83
N PHE B 175 -17.35 2.17 -3.68
CA PHE B 175 -16.14 2.90 -4.02
C PHE B 175 -16.62 3.74 -5.18
N THR B 176 -16.52 5.05 -5.00
CA THR B 176 -16.96 6.01 -6.00
C THR B 176 -15.89 6.96 -6.54
N ARG B 177 -16.25 7.68 -7.60
CA ARG B 177 -15.36 8.65 -8.20
C ARG B 177 -15.96 10.01 -7.80
N GLN B 178 -15.16 11.06 -7.81
CA GLN B 178 -15.64 12.40 -7.46
C GLN B 178 -16.59 12.86 -8.57
N SER B 179 -17.70 13.50 -8.19
CA SER B 179 -18.69 13.99 -9.15
C SER B 179 -18.35 15.42 -9.54
N ARG B 180 -19.15 16.01 -10.43
CA ARG B 180 -18.91 17.38 -10.84
C ARG B 180 -19.97 18.27 -10.18
N ARG B 181 -20.53 17.78 -9.09
CA ARG B 181 -21.55 18.51 -8.33
C ARG B 181 -20.93 19.87 -7.99
N ARG B 182 -21.66 20.94 -8.25
CA ARG B 182 -21.18 22.29 -7.98
C ARG B 182 -22.36 23.24 -7.73
N TRP B 183 -22.09 24.54 -7.65
CA TRP B 183 -23.18 25.50 -7.40
C TRP B 183 -23.31 26.67 -8.36
N ASN B 184 -24.53 27.14 -8.52
CA ASN B 184 -24.84 28.28 -9.39
C ASN B 184 -24.99 29.41 -8.37
N ASP B 185 -23.90 30.15 -8.15
CA ASP B 185 -23.93 31.25 -7.20
C ASP B 185 -24.72 32.47 -7.65
N TYR B 186 -24.82 33.43 -6.72
CA TYR B 186 -25.51 34.68 -6.94
C TYR B 186 -25.46 35.38 -5.59
N PHE B 187 -25.72 36.68 -5.57
CA PHE B 187 -25.67 37.41 -4.31
C PHE B 187 -26.89 38.25 -4.06
N GLU B 188 -27.17 38.48 -2.78
CA GLU B 188 -28.31 39.30 -2.39
C GLU B 188 -27.63 40.57 -1.88
N GLU B 189 -28.09 41.72 -2.35
CA GLU B 189 -27.52 43.00 -1.95
C GLU B 189 -28.33 43.64 -0.81
N ARG B 190 -27.62 44.20 0.17
CA ARG B 190 -28.27 44.84 1.30
C ARG B 190 -27.51 46.14 1.61
N VAL B 191 -28.04 46.96 2.50
CA VAL B 191 -27.39 48.21 2.86
C VAL B 191 -27.08 48.30 4.35
N SER B 192 -25.87 48.76 4.67
CA SER B 192 -25.44 48.90 6.05
C SER B 192 -26.01 50.18 6.67
N PRO B 193 -25.79 50.38 7.98
CA PRO B 193 -26.29 51.57 8.65
C PRO B 193 -25.59 52.84 8.11
N PHE B 194 -24.47 52.65 7.45
CA PHE B 194 -23.71 53.77 6.89
C PHE B 194 -24.11 54.07 5.45
N GLY B 195 -25.08 53.34 4.92
CA GLY B 195 -25.52 53.57 3.56
C GLY B 195 -24.71 52.81 2.51
N GLU B 196 -23.77 51.99 2.96
CA GLU B 196 -22.93 51.21 2.05
C GLU B 196 -23.53 49.82 1.86
N LYS B 197 -23.50 49.33 0.62
CA LYS B 197 -24.06 48.01 0.36
C LYS B 197 -23.07 46.88 0.58
N TYR B 198 -23.59 45.74 0.98
CA TYR B 198 -22.76 44.56 1.21
C TYR B 198 -23.43 43.39 0.50
N TYR B 199 -22.69 42.29 0.34
CA TYR B 199 -23.25 41.14 -0.35
C TYR B 199 -23.18 39.83 0.39
N TRP B 200 -24.26 39.07 0.30
CA TRP B 200 -24.37 37.76 0.94
C TRP B 200 -24.26 36.72 -0.18
N MET B 201 -23.34 35.77 -0.04
CA MET B 201 -23.17 34.74 -1.06
C MET B 201 -24.27 33.70 -0.90
N MET B 202 -24.91 33.34 -2.01
CA MET B 202 -25.99 32.35 -2.01
C MET B 202 -25.83 31.46 -3.24
N GLY B 203 -26.68 30.46 -3.37
CA GLY B 203 -26.58 29.58 -4.53
C GLY B 203 -27.54 28.41 -4.58
N GLU B 204 -27.61 27.80 -5.76
CA GLU B 204 -28.47 26.64 -6.01
C GLU B 204 -27.58 25.53 -6.56
N VAL B 205 -27.72 24.34 -5.99
CA VAL B 205 -26.91 23.20 -6.42
C VAL B 205 -27.18 22.70 -7.83
N ILE B 206 -26.11 22.24 -8.47
CA ILE B 206 -26.17 21.70 -9.82
C ILE B 206 -25.71 20.25 -9.79
N GLU B 207 -26.61 19.32 -10.09
CA GLU B 207 -26.29 17.90 -10.10
C GLU B 207 -26.61 17.45 -11.52
N ASP B 208 -25.60 17.39 -12.37
CA ASP B 208 -25.80 16.98 -13.75
C ASP B 208 -24.85 15.90 -14.24
N ASP B 209 -24.37 15.05 -13.34
CA ASP B 209 -23.46 13.99 -13.74
C ASP B 209 -24.23 12.86 -14.42
N ASP B 210 -23.72 12.38 -15.54
CA ASP B 210 -24.37 11.30 -16.27
C ASP B 210 -23.89 9.93 -15.79
N ARG B 211 -22.69 9.88 -15.20
CA ARG B 211 -22.15 8.61 -14.72
C ARG B 211 -22.89 8.17 -13.46
N ASP B 212 -23.11 6.87 -13.32
CA ASP B 212 -23.82 6.34 -12.16
C ASP B 212 -22.99 6.06 -10.90
N ASP B 213 -21.68 5.96 -11.06
CA ASP B 213 -20.78 5.68 -9.94
C ASP B 213 -20.15 6.88 -9.25
N VAL B 214 -20.82 8.03 -9.26
CA VAL B 214 -20.29 9.24 -8.63
C VAL B 214 -20.72 9.34 -7.18
N ASP B 215 -19.98 10.08 -6.38
CA ASP B 215 -20.29 10.23 -4.97
C ASP B 215 -21.71 10.56 -4.51
N TYR B 216 -22.30 11.66 -4.97
CA TYR B 216 -23.65 11.98 -4.52
C TYR B 216 -24.79 11.01 -4.86
N LYS B 217 -24.66 10.25 -5.95
CA LYS B 217 -25.70 9.30 -6.32
C LYS B 217 -25.73 8.13 -5.33
N ALA B 218 -24.56 7.74 -4.86
CA ALA B 218 -24.48 6.63 -3.91
C ALA B 218 -25.16 7.05 -2.60
N VAL B 219 -24.78 8.22 -2.09
CA VAL B 219 -25.35 8.74 -0.84
C VAL B 219 -26.85 8.96 -0.93
N ARG B 220 -27.31 9.40 -2.09
CA ARG B 220 -28.73 9.66 -2.30
C ARG B 220 -29.52 8.35 -2.18
N GLU B 221 -28.88 7.25 -2.54
CA GLU B 221 -29.52 5.93 -2.48
C GLU B 221 -29.35 5.23 -1.13
N GLY B 222 -28.67 5.89 -0.20
CA GLY B 222 -28.46 5.30 1.10
C GLY B 222 -27.17 4.51 1.25
N TYR B 223 -26.21 4.76 0.36
CA TYR B 223 -24.93 4.06 0.41
C TYR B 223 -23.78 4.98 0.81
N VAL B 224 -22.84 4.45 1.59
CA VAL B 224 -21.69 5.24 2.01
C VAL B 224 -20.85 5.38 0.73
N SER B 225 -20.33 6.58 0.48
CA SER B 225 -19.50 6.87 -0.70
C SER B 225 -18.04 6.94 -0.26
N ILE B 226 -17.19 6.12 -0.87
CA ILE B 226 -15.78 6.08 -0.55
C ILE B 226 -14.97 6.37 -1.80
N THR B 227 -14.36 7.57 -1.85
CA THR B 227 -13.56 7.98 -3.00
C THR B 227 -12.05 8.17 -2.74
N PRO B 228 -11.21 7.50 -3.54
CA PRO B 228 -9.77 7.66 -3.32
C PRO B 228 -9.34 8.91 -4.11
N ILE B 229 -8.73 9.88 -3.41
CA ILE B 229 -8.28 11.11 -4.07
C ILE B 229 -6.83 11.44 -3.73
N HIS B 230 -6.16 12.17 -4.62
CA HIS B 230 -4.76 12.55 -4.42
C HIS B 230 -4.51 14.00 -4.87
N PRO B 231 -3.38 14.59 -4.44
CA PRO B 231 -3.03 15.98 -4.79
C PRO B 231 -2.44 16.23 -6.18
N PHE B 232 -3.00 15.59 -7.20
CA PHE B 232 -2.53 15.75 -8.57
C PHE B 232 -3.70 16.20 -9.43
N LEU B 233 -3.63 17.44 -9.91
CA LEU B 233 -4.69 18.02 -10.73
C LEU B 233 -4.49 18.12 -12.24
N THR B 234 -3.43 17.53 -12.76
CA THR B 234 -3.17 17.59 -14.21
C THR B 234 -4.29 16.94 -15.02
N ASN B 235 -4.77 17.62 -16.06
CA ASN B 235 -5.82 17.03 -16.91
C ASN B 235 -4.98 16.33 -17.98
N GLU B 236 -4.76 15.04 -17.80
CA GLU B 236 -3.96 14.21 -18.71
C GLU B 236 -4.45 14.19 -20.17
N GLN B 237 -5.76 14.06 -20.36
CA GLN B 237 -6.33 14.02 -21.70
C GLN B 237 -6.06 15.34 -22.43
N CYS B 238 -6.23 16.44 -21.71
CA CYS B 238 -6.00 17.75 -22.31
C CYS B 238 -4.51 17.92 -22.64
N LEU B 239 -3.63 17.50 -21.73
CA LEU B 239 -2.20 17.62 -21.96
C LEU B 239 -1.77 16.85 -23.22
N LYS B 240 -2.29 15.65 -23.39
CA LYS B 240 -1.97 14.81 -24.54
C LYS B 240 -2.38 15.53 -25.83
N LYS B 241 -3.58 16.10 -25.83
CA LYS B 241 -4.10 16.81 -27.01
C LYS B 241 -3.22 18.01 -27.34
N LEU B 242 -2.86 18.80 -26.32
CA LEU B 242 -2.02 19.99 -26.52
C LEU B 242 -0.67 19.62 -27.12
N ARG B 243 -0.06 18.56 -26.61
CA ARG B 243 1.24 18.12 -27.11
C ARG B 243 1.19 17.61 -28.55
N GLU B 244 0.05 17.04 -28.94
CA GLU B 244 -0.09 16.53 -30.31
C GLU B 244 -0.23 17.67 -31.30
N VAL B 245 -0.94 18.72 -30.89
CA VAL B 245 -1.15 19.89 -31.75
C VAL B 245 0.09 20.79 -31.79
N TYR B 246 0.74 20.96 -30.64
CA TYR B 246 1.95 21.79 -30.56
C TYR B 246 3.17 20.91 -30.35
N ASP B 247 3.46 20.06 -31.33
CA ASP B 247 4.61 19.16 -31.24
C ASP B 247 5.81 19.74 -31.98
#